data_7HOA
#
_entry.id   7HOA
#
_cell.length_a   95.402
_cell.length_b   95.402
_cell.length_c   45.743
_cell.angle_alpha   90.000
_cell.angle_beta   90.000
_cell.angle_gamma   90.000
#
_symmetry.space_group_name_H-M   'I 4'
#
loop_
_entity.id
_entity.type
_entity.pdbx_description
1 polymer 'E3 ubiquitin-protein ligase TRIM21'
2 non-polymer 1,2-ETHANEDIOL
3 non-polymer 1-[4-(4-chlorophenyl)piperazin-1-yl]ethan-1-one
4 non-polymer 'SULFATE ION'
5 water water
#
_entity_poly.entity_id   1
_entity_poly.type   'polypeptide(L)'
_entity_poly.pdbx_seq_one_letter_code
;MHHHHHHMVHITLDRNTANSWLIISKDRRQVRMGDTHQNVSDNKERFSNYPMVLGAQRFSSGKMYWEVDVTQKEAWDLGV
CRDSVQRKGQFSLSPENGFWTIWLWQDSYEAGTSPQTTLHIQVPPCQIGIFVDYEAGVVSFYNITDHGSLIYTFSECVFA
GPLRPFFNVGFNYSGGNAAPLKLCPLKM
;
_entity_poly.pdbx_strand_id   B
#
loop_
_chem_comp.id
_chem_comp.type
_chem_comp.name
_chem_comp.formula
EDO non-polymer 1,2-ETHANEDIOL 'C2 H6 O2'
SO4 non-polymer 'SULFATE ION' 'O4 S -2'
WNY non-polymer 1-[4-(4-chlorophenyl)piperazin-1-yl]ethan-1-one 'C12 H15 Cl N2 O'
#
# COMPACT_ATOMS: atom_id res chain seq x y z
N HIS A 2 -5.53 16.17 10.70
CA HIS A 2 -6.62 15.94 9.69
C HIS A 2 -7.89 15.47 10.41
N HIS A 3 -9.04 15.59 9.72
CA HIS A 3 -10.39 15.22 10.21
C HIS A 3 -11.05 14.23 9.24
N HIS A 4 -10.27 13.29 8.66
CA HIS A 4 -10.70 12.30 7.62
C HIS A 4 -11.16 10.98 8.24
N HIS A 5 -10.93 10.79 9.54
CA HIS A 5 -11.18 9.52 10.29
C HIS A 5 -12.61 8.99 10.05
N HIS A 6 -13.62 9.87 9.95
CA HIS A 6 -15.05 9.50 9.78
C HIS A 6 -15.32 8.82 8.43
N HIS A 7 -14.40 8.85 7.46
CA HIS A 7 -14.54 8.14 6.16
C HIS A 7 -13.89 6.75 6.25
N MET A 8 -13.60 6.30 7.47
CA MET A 8 -12.96 4.99 7.74
C MET A 8 -13.69 3.87 6.99
N VAL A 9 -12.95 3.01 6.31
CA VAL A 9 -13.48 1.79 5.63
C VAL A 9 -12.72 0.57 6.18
N HIS A 10 -13.38 -0.58 6.19
CA HIS A 10 -12.80 -1.85 6.71
C HIS A 10 -12.17 -2.57 5.51
N ILE A 11 -10.85 -2.52 5.40
CA ILE A 11 -10.12 -3.16 4.30
C ILE A 11 -9.74 -4.59 4.68
N THR A 12 -9.89 -5.50 3.73
CA THR A 12 -9.38 -6.90 3.88
C THR A 12 -8.51 -7.20 2.66
N LEU A 13 -7.56 -8.11 2.83
CA LEU A 13 -6.62 -8.46 1.76
C LEU A 13 -7.23 -9.54 0.86
N ASP A 14 -6.91 -9.49 -0.41
CA ASP A 14 -7.37 -10.46 -1.44
C ASP A 14 -6.22 -11.45 -1.68
N ARG A 15 -6.36 -12.64 -1.06
N ARG A 15 -6.33 -12.64 -1.07
CA ARG A 15 -5.42 -13.79 -1.17
CA ARG A 15 -5.31 -13.72 -1.17
C ARG A 15 -5.05 -14.09 -2.61
C ARG A 15 -5.03 -14.09 -2.64
N ASN A 16 -6.01 -13.97 -3.53
CA ASN A 16 -5.80 -14.39 -4.94
C ASN A 16 -4.83 -13.47 -5.68
N THR A 17 -4.61 -12.24 -5.18
CA THR A 17 -3.71 -11.26 -5.80
C THR A 17 -2.30 -11.37 -5.21
N ALA A 18 -2.15 -12.07 -4.10
CA ALA A 18 -0.89 -12.05 -3.34
C ALA A 18 0.24 -12.78 -4.08
N ASN A 19 1.45 -12.24 -4.02
CA ASN A 19 2.67 -12.99 -4.35
C ASN A 19 2.63 -14.31 -3.57
N SER A 20 3.11 -15.36 -4.21
CA SER A 20 2.99 -16.73 -3.71
C SER A 20 3.82 -16.97 -2.46
N TRP A 21 4.67 -16.06 -2.03
CA TRP A 21 5.46 -16.21 -0.79
C TRP A 21 4.80 -15.48 0.38
N LEU A 22 3.68 -14.77 0.14
CA LEU A 22 3.02 -14.03 1.23
C LEU A 22 2.15 -14.98 2.11
N ILE A 23 2.06 -14.62 3.37
CA ILE A 23 1.21 -15.28 4.39
C ILE A 23 0.22 -14.23 4.91
N ILE A 24 -1.03 -14.44 4.60
CA ILE A 24 -2.14 -13.55 5.04
C ILE A 24 -2.86 -14.21 6.20
N SER A 25 -3.14 -13.44 7.24
CA SER A 25 -3.78 -13.97 8.44
C SER A 25 -5.22 -14.44 8.13
N LYS A 26 -5.78 -15.27 9.02
CA LYS A 26 -7.17 -15.78 8.85
C LYS A 26 -8.17 -14.62 8.69
N ASP A 27 -7.99 -13.54 9.45
CA ASP A 27 -8.94 -12.38 9.39
C ASP A 27 -8.68 -11.50 8.16
N ARG A 28 -7.69 -11.83 7.32
CA ARG A 28 -7.36 -11.08 6.09
C ARG A 28 -6.99 -9.63 6.42
N ARG A 29 -6.45 -9.37 7.60
CA ARG A 29 -6.04 -8.01 8.04
C ARG A 29 -4.53 -7.85 8.19
N GLN A 30 -3.75 -8.93 8.11
CA GLN A 30 -2.29 -8.88 8.25
C GLN A 30 -1.61 -9.70 7.15
N VAL A 31 -0.44 -9.23 6.74
CA VAL A 31 0.33 -9.95 5.71
C VAL A 31 1.80 -9.85 6.06
N ARG A 32 2.55 -10.93 5.85
CA ARG A 32 4.03 -10.91 6.00
C ARG A 32 4.65 -11.80 4.92
N MET A 33 5.94 -11.59 4.70
N MET A 33 5.93 -11.59 4.62
CA MET A 33 6.81 -12.38 3.79
CA MET A 33 6.64 -12.42 3.61
C MET A 33 7.10 -13.73 4.45
C MET A 33 7.19 -13.66 4.29
N GLY A 34 6.80 -14.82 3.75
CA GLY A 34 7.22 -16.16 4.20
C GLY A 34 8.66 -16.44 3.81
N ASP A 35 9.26 -17.49 4.41
CA ASP A 35 10.68 -17.84 4.09
C ASP A 35 10.71 -18.76 2.85
N THR A 36 9.57 -19.03 2.21
CA THR A 36 9.48 -19.97 1.05
C THR A 36 8.17 -19.76 0.26
N HIS A 37 7.98 -20.43 -0.86
CA HIS A 37 6.68 -20.52 -1.57
C HIS A 37 5.61 -21.10 -0.65
N GLN A 38 4.41 -20.49 -0.62
CA GLN A 38 3.36 -20.83 0.36
C GLN A 38 2.39 -21.91 -0.18
N ASN A 39 2.76 -22.61 -1.24
CA ASN A 39 2.06 -23.84 -1.70
C ASN A 39 0.68 -23.53 -2.27
N VAL A 40 0.57 -22.39 -2.95
CA VAL A 40 -0.66 -21.97 -3.68
C VAL A 40 -0.46 -22.17 -5.19
N SER A 41 -1.53 -22.39 -5.96
CA SER A 41 -1.46 -22.39 -7.43
C SER A 41 -1.17 -20.99 -7.98
N ASP A 42 -0.54 -20.89 -9.13
CA ASP A 42 -0.34 -19.60 -9.85
C ASP A 42 -1.67 -19.21 -10.49
N ASN A 43 -1.82 -17.91 -10.77
CA ASN A 43 -3.01 -17.36 -11.47
C ASN A 43 -2.60 -16.02 -12.07
N LYS A 44 -3.43 -15.47 -12.94
CA LYS A 44 -3.06 -14.25 -13.69
C LYS A 44 -3.10 -13.02 -12.77
N GLU A 45 -3.80 -13.09 -11.63
CA GLU A 45 -3.90 -11.92 -10.68
C GLU A 45 -2.60 -11.75 -9.85
N ARG A 46 -1.84 -12.81 -9.57
CA ARG A 46 -0.77 -12.71 -8.55
C ARG A 46 0.38 -11.81 -8.99
N PHE A 47 0.84 -10.91 -8.13
CA PHE A 47 2.08 -10.17 -8.39
C PHE A 47 3.27 -11.17 -8.38
N SER A 48 4.01 -11.30 -9.48
CA SER A 48 5.05 -12.34 -9.64
C SER A 48 6.38 -11.87 -9.10
N ASN A 49 6.78 -10.64 -9.30
CA ASN A 49 8.19 -10.20 -9.11
C ASN A 49 8.44 -9.62 -7.71
N TYR A 50 7.38 -9.18 -7.01
CA TYR A 50 7.58 -8.38 -5.77
C TYR A 50 6.57 -8.84 -4.74
N PRO A 51 6.84 -8.63 -3.42
CA PRO A 51 5.96 -9.15 -2.36
C PRO A 51 4.69 -8.32 -2.11
N MET A 52 3.88 -8.19 -3.20
CA MET A 52 2.71 -7.27 -3.25
C MET A 52 1.41 -8.05 -3.15
N VAL A 53 0.38 -7.34 -2.66
CA VAL A 53 -1.01 -7.83 -2.55
C VAL A 53 -1.97 -6.64 -2.63
N LEU A 54 -3.19 -6.88 -3.08
CA LEU A 54 -4.27 -5.86 -3.12
C LEU A 54 -5.29 -6.10 -2.03
N GLY A 55 -5.91 -5.03 -1.58
CA GLY A 55 -7.19 -5.15 -0.86
C GLY A 55 -8.27 -5.72 -1.77
N ALA A 56 -9.29 -6.30 -1.16
CA ALA A 56 -10.43 -6.88 -1.88
C ALA A 56 -11.38 -5.76 -2.36
N GLN A 57 -11.40 -4.66 -1.61
CA GLN A 57 -12.38 -3.57 -1.86
C GLN A 57 -11.99 -2.84 -3.15
N ARG A 58 -13.00 -2.46 -3.95
CA ARG A 58 -12.84 -1.61 -5.13
C ARG A 58 -13.59 -0.30 -4.92
N PHE A 59 -12.97 0.82 -5.23
CA PHE A 59 -13.57 2.18 -5.00
C PHE A 59 -13.63 2.92 -6.35
N SER A 60 -14.80 3.48 -6.69
N SER A 60 -14.81 3.45 -6.70
CA SER A 60 -15.01 4.23 -7.95
CA SER A 60 -15.02 4.22 -7.97
C SER A 60 -15.65 5.60 -7.68
C SER A 60 -15.73 5.55 -7.67
N SER A 61 -15.93 5.92 -6.41
N SER A 61 -15.72 5.99 -6.41
CA SER A 61 -16.50 7.22 -5.98
CA SER A 61 -16.45 7.19 -5.98
C SER A 61 -16.15 7.47 -4.51
C SER A 61 -16.26 7.43 -4.48
N GLY A 62 -16.44 8.67 -4.03
CA GLY A 62 -16.48 8.94 -2.58
C GLY A 62 -15.13 9.20 -1.95
N LYS A 63 -15.17 9.23 -0.63
CA LYS A 63 -14.02 9.49 0.22
C LYS A 63 -13.82 8.24 1.08
N MET A 64 -12.59 7.78 1.17
CA MET A 64 -12.21 6.54 1.89
C MET A 64 -10.96 6.81 2.72
N TYR A 65 -10.87 6.19 3.88
CA TYR A 65 -9.73 6.37 4.81
C TYR A 65 -9.45 5.04 5.48
N TRP A 66 -8.18 4.65 5.52
CA TRP A 66 -7.78 3.47 6.33
C TRP A 66 -6.37 3.69 6.91
N GLU A 67 -5.96 2.82 7.83
CA GLU A 67 -4.66 2.96 8.54
C GLU A 67 -3.90 1.64 8.51
N VAL A 68 -2.58 1.72 8.31
CA VAL A 68 -1.71 0.54 8.22
C VAL A 68 -0.58 0.66 9.24
N ASP A 69 -0.32 -0.42 9.96
CA ASP A 69 0.81 -0.52 10.94
C ASP A 69 2.04 -1.03 10.22
N VAL A 70 3.14 -0.28 10.32
CA VAL A 70 4.45 -0.57 9.68
C VAL A 70 5.55 -0.75 10.74
N THR A 71 5.19 -0.96 12.00
CA THR A 71 6.15 -1.11 13.11
C THR A 71 7.29 -2.10 12.75
N GLN A 72 8.50 -1.63 13.00
CA GLN A 72 9.80 -2.31 12.86
C GLN A 72 10.08 -2.83 11.46
N LYS A 73 9.40 -2.36 10.42
CA LYS A 73 9.84 -2.73 9.07
C LYS A 73 10.94 -1.79 8.52
N GLU A 74 11.84 -2.36 7.75
CA GLU A 74 12.92 -1.61 7.06
C GLU A 74 12.51 -1.15 5.66
N ALA A 75 11.52 -1.80 5.06
CA ALA A 75 11.12 -1.51 3.68
C ALA A 75 9.66 -1.92 3.46
N TRP A 76 8.94 -1.10 2.70
CA TRP A 76 7.49 -1.33 2.39
C TRP A 76 7.06 -0.28 1.39
N ASP A 77 6.00 -0.60 0.64
CA ASP A 77 5.28 0.40 -0.20
C ASP A 77 3.81 0.37 0.26
N LEU A 78 3.12 1.50 0.25
CA LEU A 78 1.68 1.58 0.59
C LEU A 78 1.02 2.63 -0.29
N GLY A 79 -0.25 2.35 -0.60
CA GLY A 79 -1.09 3.36 -1.23
C GLY A 79 -2.31 2.73 -1.89
N VAL A 80 -2.64 3.23 -3.08
N VAL A 80 -2.60 3.16 -3.11
CA VAL A 80 -3.73 2.67 -3.94
CA VAL A 80 -3.78 2.68 -3.87
C VAL A 80 -3.20 2.45 -5.35
C VAL A 80 -3.35 2.57 -5.34
N CYS A 81 -3.93 1.65 -6.11
CA CYS A 81 -3.60 1.46 -7.51
C CYS A 81 -4.85 1.15 -8.31
N ARG A 82 -4.75 1.32 -9.62
N ARG A 82 -4.75 1.32 -9.62
CA ARG A 82 -5.83 0.89 -10.53
CA ARG A 82 -5.84 0.95 -10.57
C ARG A 82 -6.04 -0.61 -10.39
C ARG A 82 -6.03 -0.58 -10.55
N ASP A 83 -7.28 -1.05 -10.59
CA ASP A 83 -7.58 -2.50 -10.61
C ASP A 83 -6.81 -3.13 -11.76
N SER A 84 -6.51 -2.41 -12.84
CA SER A 84 -5.90 -2.97 -14.08
C SER A 84 -4.36 -2.89 -14.10
N VAL A 85 -3.70 -2.57 -12.98
CA VAL A 85 -2.22 -2.54 -12.98
C VAL A 85 -1.67 -3.89 -13.45
N GLN A 86 -0.53 -3.78 -14.10
CA GLN A 86 0.36 -4.95 -14.47
C GLN A 86 0.65 -5.78 -13.21
N ARG A 87 0.58 -7.11 -13.34
CA ARG A 87 0.88 -8.06 -12.22
C ARG A 87 2.19 -8.77 -12.49
N LYS A 88 2.56 -9.03 -13.74
CA LYS A 88 3.71 -9.89 -14.08
C LYS A 88 4.88 -9.09 -14.56
N GLY A 89 6.07 -9.48 -14.19
CA GLY A 89 7.31 -8.85 -14.67
C GLY A 89 7.69 -7.62 -13.87
N GLN A 90 8.65 -6.87 -14.38
CA GLN A 90 9.22 -5.67 -13.74
C GLN A 90 8.45 -4.43 -14.15
N PHE A 91 8.25 -3.53 -13.20
CA PHE A 91 7.59 -2.23 -13.42
C PHE A 91 7.96 -1.29 -12.28
N SER A 92 7.89 0.01 -12.54
N SER A 92 7.83 0.01 -12.57
CA SER A 92 8.09 1.03 -11.48
CA SER A 92 8.01 1.13 -11.61
C SER A 92 6.73 1.49 -10.95
C SER A 92 6.68 1.46 -10.95
N LEU A 93 6.71 1.88 -9.69
CA LEU A 93 5.52 2.44 -9.04
C LEU A 93 5.42 3.90 -9.42
N SER A 94 4.47 4.27 -10.27
CA SER A 94 4.28 5.66 -10.72
C SER A 94 2.83 5.85 -11.06
N PRO A 95 2.35 7.10 -11.09
CA PRO A 95 0.99 7.37 -11.55
C PRO A 95 0.78 6.97 -13.02
N GLU A 96 1.82 7.09 -13.85
CA GLU A 96 1.75 6.65 -15.27
C GLU A 96 1.42 5.15 -15.34
N ASN A 97 1.91 4.33 -14.41
CA ASN A 97 1.63 2.88 -14.38
C ASN A 97 0.41 2.55 -13.52
N GLY A 98 -0.31 3.53 -12.97
CA GLY A 98 -1.53 3.29 -12.20
C GLY A 98 -1.33 3.09 -10.71
N PHE A 99 -0.25 3.67 -10.13
CA PHE A 99 0.01 3.56 -8.67
C PHE A 99 0.21 4.93 -8.01
N TRP A 100 -0.41 5.12 -6.84
CA TRP A 100 -0.27 6.33 -6.00
C TRP A 100 0.20 5.87 -4.63
N THR A 101 1.52 5.94 -4.42
CA THR A 101 2.17 5.18 -3.31
C THR A 101 3.25 6.04 -2.65
N ILE A 102 3.60 5.65 -1.44
CA ILE A 102 4.85 6.12 -0.75
C ILE A 102 5.57 4.85 -0.29
N TRP A 103 6.83 5.02 0.05
CA TRP A 103 7.64 3.87 0.55
C TRP A 103 8.74 4.32 1.47
N LEU A 104 9.18 3.30 2.23
CA LEU A 104 10.43 3.34 3.00
C LEU A 104 11.43 2.42 2.33
N TRP A 105 12.68 2.87 2.18
CA TRP A 105 13.76 2.08 1.56
C TRP A 105 15.09 2.66 2.03
N GLN A 106 15.92 1.83 2.69
CA GLN A 106 17.27 2.30 3.08
C GLN A 106 17.22 3.60 3.85
N ASP A 107 16.38 3.61 4.88
CA ASP A 107 16.39 4.70 5.87
C ASP A 107 15.91 6.03 5.26
N SER A 108 15.30 6.02 4.09
CA SER A 108 14.63 7.25 3.56
C SER A 108 13.20 6.94 3.10
N TYR A 109 12.34 7.93 3.21
CA TYR A 109 10.94 7.85 2.75
C TYR A 109 10.81 8.64 1.46
N GLU A 110 10.10 8.07 0.48
N GLU A 110 10.12 8.06 0.48
CA GLU A 110 9.91 8.72 -0.84
CA GLU A 110 9.91 8.66 -0.86
C GLU A 110 8.50 8.47 -1.38
C GLU A 110 8.43 8.54 -1.26
N ALA A 111 7.97 9.47 -2.10
CA ALA A 111 6.72 9.31 -2.84
C ALA A 111 7.00 8.74 -4.23
N GLY A 112 6.14 7.81 -4.66
CA GLY A 112 6.23 7.10 -5.95
C GLY A 112 5.81 7.97 -7.13
N THR A 113 6.39 9.15 -7.27
CA THR A 113 6.30 9.91 -8.53
C THR A 113 7.39 9.43 -9.51
N SER A 114 7.40 9.96 -10.73
CA SER A 114 8.45 9.61 -11.71
C SER A 114 9.13 10.90 -12.20
N PRO A 115 10.36 11.19 -11.75
CA PRO A 115 11.08 10.36 -10.78
C PRO A 115 10.59 10.57 -9.34
N GLN A 116 11.07 9.74 -8.43
CA GLN A 116 10.57 9.71 -7.03
C GLN A 116 10.90 11.02 -6.31
N THR A 117 10.07 11.34 -5.33
CA THR A 117 10.17 12.59 -4.53
C THR A 117 10.61 12.28 -3.11
N THR A 118 11.62 12.99 -2.59
CA THR A 118 12.04 12.86 -1.19
C THR A 118 10.96 13.36 -0.23
N LEU A 119 10.66 12.61 0.83
CA LEU A 119 9.69 13.02 1.87
C LEU A 119 10.53 13.55 3.04
N HIS A 120 9.91 14.37 3.86
CA HIS A 120 10.57 15.03 5.02
C HIS A 120 9.82 14.59 6.26
N ILE A 121 10.27 13.56 6.93
CA ILE A 121 9.58 12.98 8.11
C ILE A 121 10.56 13.07 9.30
N GLN A 122 10.20 13.81 10.32
CA GLN A 122 11.04 14.01 11.54
C GLN A 122 10.80 12.85 12.50
N VAL A 123 9.57 12.31 12.53
CA VAL A 123 9.15 11.23 13.47
C VAL A 123 8.83 9.96 12.69
N PRO A 124 9.75 8.96 12.61
CA PRO A 124 9.50 7.77 11.79
C PRO A 124 8.15 7.18 12.15
N PRO A 125 7.24 6.97 11.17
CA PRO A 125 5.91 6.50 11.50
C PRO A 125 5.85 5.01 11.88
N CYS A 126 5.04 4.70 12.87
CA CYS A 126 4.67 3.29 13.17
C CYS A 126 3.31 2.95 12.52
N GLN A 127 2.46 3.95 12.26
N GLN A 127 2.54 3.98 12.16
CA GLN A 127 1.17 3.75 11.53
CA GLN A 127 1.20 3.83 11.56
C GLN A 127 0.98 4.90 10.54
C GLN A 127 1.02 4.94 10.51
N ILE A 128 0.43 4.56 9.38
CA ILE A 128 0.26 5.47 8.20
C ILE A 128 -1.26 5.52 7.99
N GLY A 129 -1.81 6.72 7.82
CA GLY A 129 -3.20 6.88 7.35
C GLY A 129 -3.24 7.25 5.88
N ILE A 130 -4.12 6.59 5.12
CA ILE A 130 -4.27 6.82 3.66
C ILE A 130 -5.69 7.32 3.40
N PHE A 131 -5.79 8.46 2.73
CA PHE A 131 -7.07 9.13 2.40
C PHE A 131 -7.17 9.27 0.89
N VAL A 132 -8.29 8.78 0.35
CA VAL A 132 -8.59 8.89 -1.10
C VAL A 132 -9.90 9.66 -1.28
N ASP A 133 -9.82 10.75 -2.05
CA ASP A 133 -11.04 11.49 -2.52
C ASP A 133 -11.14 11.24 -4.02
N TYR A 134 -12.03 10.31 -4.40
CA TYR A 134 -12.14 9.89 -5.81
C TYR A 134 -12.52 11.08 -6.72
N GLU A 135 -13.52 11.82 -6.32
CA GLU A 135 -14.04 12.91 -7.21
C GLU A 135 -12.99 13.99 -7.33
N ALA A 136 -12.30 14.34 -6.23
CA ALA A 136 -11.31 15.42 -6.24
C ALA A 136 -10.00 15.01 -6.93
N GLY A 137 -9.73 13.71 -7.11
CA GLY A 137 -8.47 13.26 -7.67
C GLY A 137 -7.33 13.46 -6.66
N VAL A 138 -7.53 13.02 -5.41
CA VAL A 138 -6.56 13.25 -4.30
C VAL A 138 -6.24 11.93 -3.59
N VAL A 139 -4.96 11.67 -3.37
CA VAL A 139 -4.50 10.61 -2.43
C VAL A 139 -3.55 11.28 -1.43
N SER A 140 -3.85 11.18 -0.14
CA SER A 140 -2.98 11.80 0.89
C SER A 140 -2.58 10.73 1.92
N PHE A 141 -1.41 10.98 2.51
CA PHE A 141 -0.78 10.09 3.50
C PHE A 141 -0.50 10.90 4.75
N TYR A 142 -0.78 10.28 5.89
CA TYR A 142 -0.71 10.95 7.22
C TYR A 142 0.14 10.08 8.17
N ASN A 143 0.91 10.77 9.01
CA ASN A 143 1.79 10.14 10.05
C ASN A 143 0.98 10.02 11.34
N ILE A 144 0.46 8.86 11.68
CA ILE A 144 -0.48 8.70 12.82
C ILE A 144 0.38 8.84 14.11
N THR A 145 1.64 8.43 14.06
CA THR A 145 2.57 8.50 15.23
C THR A 145 2.83 9.95 15.60
N ASP A 146 2.83 10.86 14.63
CA ASP A 146 3.06 12.33 14.83
C ASP A 146 1.74 13.10 14.71
N HIS A 147 0.72 12.69 15.47
CA HIS A 147 -0.55 13.44 15.64
C HIS A 147 -1.17 13.69 14.26
N GLY A 148 -0.99 12.78 13.31
CA GLY A 148 -1.71 12.86 12.03
C GLY A 148 -1.08 13.81 11.04
N SER A 149 0.19 14.21 11.21
CA SER A 149 0.83 15.23 10.35
C SER A 149 0.84 14.77 8.88
N LEU A 150 0.69 15.68 7.95
CA LEU A 150 0.76 15.31 6.51
C LEU A 150 2.14 14.82 6.10
N ILE A 151 2.17 13.73 5.36
CA ILE A 151 3.37 13.20 4.69
C ILE A 151 3.43 13.70 3.24
N TYR A 152 2.38 13.39 2.48
CA TYR A 152 2.38 13.68 1.03
C TYR A 152 0.95 13.68 0.52
N THR A 153 0.73 14.56 -0.46
CA THR A 153 -0.54 14.63 -1.24
C THR A 153 -0.24 14.53 -2.74
N PHE A 154 -0.81 13.50 -3.38
CA PHE A 154 -0.94 13.42 -4.85
C PHE A 154 -2.24 14.15 -5.19
N SER A 155 -2.14 15.17 -6.05
CA SER A 155 -3.34 15.87 -6.51
C SER A 155 -3.35 15.83 -8.04
N GLU A 156 -4.51 16.21 -8.62
CA GLU A 156 -4.75 16.10 -10.08
C GLU A 156 -4.55 14.65 -10.53
N CYS A 157 -4.93 13.68 -9.67
CA CYS A 157 -4.75 12.25 -10.02
C CYS A 157 -5.69 11.86 -11.16
N VAL A 158 -5.19 11.07 -12.08
CA VAL A 158 -6.03 10.54 -13.18
C VAL A 158 -6.21 9.04 -12.90
N PHE A 159 -7.19 8.68 -12.09
CA PHE A 159 -7.35 7.29 -11.60
C PHE A 159 -7.62 6.37 -12.80
N ALA A 160 -8.50 6.80 -13.69
CA ALA A 160 -8.80 6.10 -14.95
C ALA A 160 -9.34 4.68 -14.71
N GLY A 161 -10.02 4.44 -13.62
CA GLY A 161 -10.60 3.11 -13.32
C GLY A 161 -10.91 2.96 -11.84
N PRO A 162 -11.43 1.81 -11.47
CA PRO A 162 -11.64 1.47 -10.07
C PRO A 162 -10.28 1.42 -9.36
N LEU A 163 -10.27 1.80 -8.09
CA LEU A 163 -9.04 1.77 -7.25
C LEU A 163 -9.09 0.62 -6.24
N ARG A 164 -7.92 0.04 -5.97
CA ARG A 164 -7.77 -0.98 -4.90
C ARG A 164 -6.70 -0.53 -3.94
N PRO A 165 -6.87 -0.83 -2.63
CA PRO A 165 -5.76 -0.63 -1.68
C PRO A 165 -4.57 -1.49 -2.10
N PHE A 166 -3.38 -0.94 -1.97
CA PHE A 166 -2.12 -1.54 -2.48
C PHE A 166 -1.13 -1.69 -1.32
N PHE A 167 -0.40 -2.84 -1.27
CA PHE A 167 0.56 -3.16 -0.19
C PHE A 167 1.79 -3.83 -0.80
N ASN A 168 2.95 -3.52 -0.27
CA ASN A 168 4.19 -4.28 -0.55
C ASN A 168 4.90 -4.47 0.80
N VAL A 169 5.05 -5.72 1.29
CA VAL A 169 5.72 -5.97 2.59
C VAL A 169 7.24 -5.82 2.42
N GLY A 170 7.75 -5.80 1.17
CA GLY A 170 9.20 -5.75 0.90
C GLY A 170 9.89 -7.08 1.07
N PHE A 171 11.08 -7.20 0.46
CA PHE A 171 11.94 -8.38 0.63
C PHE A 171 12.52 -8.37 2.02
N ASN A 172 13.11 -9.50 2.37
CA ASN A 172 13.78 -9.66 3.69
C ASN A 172 15.15 -10.32 3.44
N TYR A 173 15.95 -9.72 2.58
CA TYR A 173 17.35 -10.14 2.36
C TYR A 173 18.16 -9.93 3.65
N SER A 174 17.86 -8.90 4.43
CA SER A 174 18.65 -8.43 5.59
C SER A 174 18.37 -9.29 6.83
N GLY A 175 17.21 -9.96 6.86
CA GLY A 175 16.76 -10.59 8.12
C GLY A 175 16.21 -9.60 9.13
N GLY A 176 16.09 -8.32 8.76
CA GLY A 176 15.49 -7.30 9.61
C GLY A 176 14.14 -6.77 9.13
N ASN A 177 13.55 -7.37 8.11
CA ASN A 177 12.27 -6.90 7.56
C ASN A 177 11.17 -7.96 7.57
N ALA A 178 11.17 -8.91 8.52
CA ALA A 178 10.15 -9.98 8.54
C ALA A 178 8.80 -9.47 9.07
N ALA A 179 8.78 -8.33 9.76
CA ALA A 179 7.52 -7.91 10.42
C ALA A 179 6.40 -7.75 9.39
N PRO A 180 5.13 -7.94 9.83
CA PRO A 180 3.97 -7.80 8.96
C PRO A 180 3.55 -6.34 8.69
N LEU A 181 2.78 -6.12 7.62
CA LEU A 181 1.85 -4.98 7.52
C LEU A 181 0.52 -5.41 8.17
N LYS A 182 -0.07 -4.53 8.97
CA LYS A 182 -1.36 -4.84 9.65
C LYS A 182 -2.34 -3.72 9.39
N LEU A 183 -3.53 -4.06 8.96
CA LEU A 183 -4.64 -3.06 8.90
C LEU A 183 -5.15 -2.80 10.31
N CYS A 184 -5.09 -1.55 10.74
CA CYS A 184 -5.41 -1.14 12.13
C CYS A 184 -6.91 -1.01 12.29
N PRO A 185 -7.42 -1.33 13.48
CA PRO A 185 -8.85 -1.24 13.74
C PRO A 185 -9.28 0.23 13.74
N LEU A 186 -10.52 0.41 13.28
CA LEU A 186 -11.41 1.60 13.31
C LEU A 186 -11.76 1.97 14.76
C1 EDO B . 14.24 -12.29 0.45
O1 EDO B . 12.97 -12.02 1.02
C2 EDO B . 14.26 -12.93 -0.89
O2 EDO B . 13.47 -14.09 -0.97
C10 WNY C . 6.56 -9.47 14.09
C13 WNY C . 6.14 -6.83 14.85
C15 WNY C . 7.39 -7.24 14.47
C01 WNY C . 8.48 -15.06 11.45
C02 WNY C . 7.45 -14.71 12.50
C05 WNY C . 6.73 -13.18 14.30
C06 WNY C . 5.94 -11.90 14.11
C08 WNY C . 7.69 -11.11 12.55
C09 WNY C . 8.43 -12.41 12.77
C11 WNY C . 5.30 -9.03 14.48
C12 WNY C . 5.08 -7.71 14.87
C16 WNY C . 7.60 -8.55 14.08
N04 WNY C . 7.52 -13.51 13.11
N07 WNY C . 6.78 -10.77 13.65
O03 WNY C . 6.60 -15.53 12.79
CL1 WNY C . 5.90 -5.17 15.33
C1 EDO D . 13.22 -12.47 -17.07
O1 EDO D . 12.12 -12.11 -16.24
C2 EDO D . 14.45 -11.76 -16.72
O2 EDO D . 14.83 -12.01 -15.40
S SO4 E . 8.63 1.17 -16.08
O1 SO4 E . 7.59 0.34 -15.54
O2 SO4 E . 9.00 0.69 -17.37
O3 SO4 E . 8.16 2.53 -16.16
O4 SO4 E . 9.80 1.13 -15.22
#